data_6JFA
#
_entry.id   6JFA
#
_cell.length_a   44.815
_cell.length_b   122.826
_cell.length_c   143.978
_cell.angle_alpha   90.000
_cell.angle_beta   90.000
_cell.angle_gamma   90.000
#
_symmetry.space_group_name_H-M   'C 2 2 21'
#
loop_
_entity.id
_entity.type
_entity.pdbx_description
1 polymer 'Peptide deformylase'
2 polymer MET-ALA-SER
3 non-polymer 'NICKEL (II) ION'
4 water water
#
loop_
_entity_poly.entity_id
_entity_poly.type
_entity_poly.pdbx_seq_one_letter_code
_entity_poly.pdbx_strand_id
1 'polypeptide(L)'
;IREILKMGDERLLRIAQPVPSELLGSEELQRLIDDMFETMHHVGGVGLAAPQIGVDLQLVIFGFERSERYPDAPAVPPTI
LLNPRITPLDDEMEEGWEGCLSVPGLRGAVSRHRRIRYQGLDPQGQPIDRSVEGFHARVVQHECDHLIGRLYPSRITDFS
KFGFTEVLFP
;
A,B
2 'polypeptide(L)' MAS C
#
loop_
_chem_comp.id
_chem_comp.type
_chem_comp.name
_chem_comp.formula
NI non-polymer 'NICKEL (II) ION' 'Ni 2'
#
# COMPACT_ATOMS: atom_id res chain seq x y z
N ILE A 1 17.62 12.97 -11.70
CA ILE A 1 18.36 12.84 -10.39
C ILE A 1 18.61 14.27 -9.87
N ARG A 2 17.66 14.79 -9.10
CA ARG A 2 17.82 16.15 -8.51
C ARG A 2 18.70 16.02 -7.27
N GLU A 3 19.25 17.16 -6.85
CA GLU A 3 20.29 17.19 -5.81
C GLU A 3 19.59 17.03 -4.46
N ILE A 4 20.13 16.18 -3.61
CA ILE A 4 19.67 16.13 -2.19
C ILE A 4 20.32 17.23 -1.37
N LEU A 5 19.48 18.07 -0.78
CA LEU A 5 19.94 19.16 0.11
C LEU A 5 20.51 18.56 1.39
N LYS A 6 21.59 19.15 1.86
CA LYS A 6 22.29 18.67 3.08
C LYS A 6 21.98 19.59 4.25
N MET A 7 22.01 18.99 5.43
CA MET A 7 21.77 19.65 6.73
C MET A 7 22.67 20.87 6.86
N GLY A 8 22.06 21.98 7.25
CA GLY A 8 22.60 23.33 7.10
C GLY A 8 21.71 24.17 6.19
N ASP A 9 21.11 23.57 5.15
CA ASP A 9 20.28 24.34 4.17
C ASP A 9 18.97 24.82 4.84
N GLU A 10 18.67 26.11 4.71
CA GLU A 10 17.45 26.76 5.25
C GLU A 10 16.21 26.05 4.72
N ARG A 11 16.25 25.55 3.48
CA ARG A 11 15.06 24.97 2.80
C ARG A 11 14.61 23.68 3.49
N LEU A 12 15.51 22.97 4.18
CA LEU A 12 15.14 21.76 4.98
C LEU A 12 14.49 22.16 6.31
N LEU A 13 14.49 23.42 6.69
CA LEU A 13 13.93 23.86 8.01
C LEU A 13 12.59 24.55 7.83
N ARG A 14 12.12 24.75 6.59
CA ARG A 14 10.80 25.35 6.31
C ARG A 14 9.71 24.35 6.68
N ILE A 15 8.62 24.86 7.20
CA ILE A 15 7.31 24.14 7.15
C ILE A 15 6.86 24.13 5.68
N ALA A 16 6.54 22.95 5.14
CA ALA A 16 6.13 22.83 3.72
C ALA A 16 4.67 23.19 3.56
N GLN A 17 4.39 23.81 2.42
CA GLN A 17 3.05 24.19 1.92
C GLN A 17 2.33 22.94 1.43
N PRO A 18 0.99 22.94 1.55
CA PRO A 18 0.20 21.80 1.11
C PRO A 18 0.14 21.82 -0.41
N VAL A 19 0.06 20.62 -0.97
CA VAL A 19 -0.19 20.44 -2.42
C VAL A 19 -1.56 21.00 -2.71
N PRO A 20 -1.69 22.09 -3.50
CA PRO A 20 -3.00 22.64 -3.80
C PRO A 20 -3.81 21.67 -4.67
N SER A 21 -5.12 21.69 -4.50
CA SER A 21 -6.02 20.70 -5.15
C SER A 21 -5.80 20.74 -6.67
N GLU A 22 -5.50 21.93 -7.19
CA GLU A 22 -5.18 22.21 -8.62
C GLU A 22 -4.10 21.27 -9.16
N LEU A 23 -3.10 20.88 -8.36
CA LEU A 23 -2.01 19.97 -8.83
C LEU A 23 -2.46 18.49 -8.81
N LEU A 24 -3.54 18.17 -8.12
CA LEU A 24 -3.96 16.75 -7.99
C LEU A 24 -4.34 16.21 -9.34
N GLY A 25 -3.83 15.03 -9.69
CA GLY A 25 -4.06 14.35 -10.98
C GLY A 25 -3.28 14.93 -12.14
N SER A 26 -2.33 15.86 -11.92
CA SER A 26 -1.76 16.73 -12.98
C SER A 26 -0.46 16.17 -13.57
N GLU A 27 -0.09 16.66 -14.75
CA GLU A 27 1.23 16.37 -15.39
C GLU A 27 2.36 16.96 -14.53
N GLU A 28 2.20 18.19 -14.02
CA GLU A 28 3.20 18.88 -13.15
C GLU A 28 3.56 17.95 -11.98
N LEU A 29 2.57 17.46 -11.23
CA LEU A 29 2.78 16.58 -10.04
C LEU A 29 3.45 15.27 -10.45
N GLN A 30 2.90 14.61 -11.48
CA GLN A 30 3.44 13.31 -11.95
C GLN A 30 4.93 13.44 -12.26
N ARG A 31 5.33 14.55 -12.89
CA ARG A 31 6.77 14.83 -13.18
C ARG A 31 7.57 14.94 -11.87
N LEU A 32 7.11 15.76 -10.92
CA LEU A 32 7.75 15.89 -9.58
C LEU A 32 7.88 14.49 -8.98
N ILE A 33 6.77 13.72 -8.97
CA ILE A 33 6.77 12.34 -8.38
C ILE A 33 7.89 11.52 -9.04
N ASP A 34 7.97 11.50 -10.38
CA ASP A 34 8.96 10.63 -11.07
C ASP A 34 10.38 11.11 -10.72
N ASP A 35 10.60 12.44 -10.73
CA ASP A 35 11.87 13.07 -10.28
C ASP A 35 12.23 12.50 -8.90
N MET A 36 11.30 12.50 -7.95
CA MET A 36 11.65 11.99 -6.60
C MET A 36 11.92 10.49 -6.67
N PHE A 37 11.20 9.71 -7.49
CA PHE A 37 11.45 8.26 -7.59
C PHE A 37 12.86 8.01 -8.15
N GLU A 38 13.25 8.68 -9.24
CA GLU A 38 14.61 8.51 -9.83
C GLU A 38 15.65 8.79 -8.72
N THR A 39 15.55 9.96 -8.08
CA THR A 39 16.54 10.45 -7.08
C THR A 39 16.60 9.48 -5.90
N MET A 40 15.45 9.10 -5.33
CA MET A 40 15.39 8.12 -4.21
C MET A 40 16.10 6.83 -4.65
N HIS A 41 15.91 6.39 -5.89
CA HIS A 41 16.53 5.15 -6.41
C HIS A 41 18.04 5.37 -6.64
N HIS A 42 18.46 6.48 -7.26
CA HIS A 42 19.90 6.76 -7.57
C HIS A 42 20.77 6.71 -6.30
N VAL A 43 20.25 7.04 -5.11
CA VAL A 43 21.05 7.07 -3.84
C VAL A 43 20.56 6.01 -2.83
N GLY A 44 19.58 5.19 -3.19
CA GLY A 44 19.21 4.01 -2.38
C GLY A 44 18.49 4.34 -1.08
N GLY A 45 17.74 5.44 -1.02
CA GLY A 45 16.82 5.68 0.10
C GLY A 45 15.62 4.74 0.07
N VAL A 46 15.08 4.45 1.25
CA VAL A 46 13.73 3.83 1.42
C VAL A 46 12.63 4.92 1.50
N GLY A 47 13.00 6.20 1.58
CA GLY A 47 12.03 7.31 1.64
C GLY A 47 12.60 8.61 1.08
N LEU A 48 11.74 9.57 0.74
CA LEU A 48 12.20 10.90 0.29
C LEU A 48 11.04 11.87 0.43
N ALA A 49 11.36 13.08 0.89
CA ALA A 49 10.38 14.15 1.09
C ALA A 49 10.73 15.29 0.15
N ALA A 50 9.73 15.88 -0.46
CA ALA A 50 9.94 16.87 -1.53
C ALA A 50 10.87 18.00 -1.07
N PRO A 51 10.85 18.45 0.21
CA PRO A 51 11.78 19.51 0.62
C PRO A 51 13.27 19.14 0.56
N GLN A 52 13.61 17.86 0.66
CA GLN A 52 15.00 17.39 0.43
C GLN A 52 15.52 17.69 -0.99
N ILE A 53 14.65 17.85 -1.99
CA ILE A 53 15.09 18.25 -3.35
C ILE A 53 14.61 19.67 -3.59
N GLY A 54 14.43 20.40 -2.50
CA GLY A 54 14.16 21.86 -2.54
C GLY A 54 12.79 22.16 -3.06
N VAL A 55 11.86 21.22 -3.01
CA VAL A 55 10.47 21.48 -3.47
C VAL A 55 9.58 21.62 -2.24
N ASP A 56 8.98 22.78 -2.12
CA ASP A 56 8.31 23.21 -0.85
C ASP A 56 6.87 22.68 -0.80
N LEU A 57 6.70 21.35 -0.80
CA LEU A 57 5.33 20.77 -0.77
C LEU A 57 5.24 19.60 0.20
N GLN A 58 4.05 19.44 0.78
CA GLN A 58 3.71 18.30 1.66
C GLN A 58 3.52 17.05 0.81
N LEU A 59 4.62 16.41 0.46
CA LEU A 59 4.62 15.23 -0.43
C LEU A 59 5.85 14.41 -0.06
N VAL A 60 5.60 13.14 0.21
CA VAL A 60 6.65 12.19 0.61
C VAL A 60 6.47 10.95 -0.23
N ILE A 61 7.54 10.22 -0.46
CA ILE A 61 7.37 8.91 -1.10
C ILE A 61 8.18 7.95 -0.27
N PHE A 62 7.70 6.73 -0.16
CA PHE A 62 8.41 5.69 0.60
C PHE A 62 7.99 4.32 0.07
N GLY A 63 8.75 3.30 0.45
CA GLY A 63 8.52 1.92 0.03
C GLY A 63 9.36 1.52 -1.16
N PRO A 74 11.54 -6.80 5.95
CA PRO A 74 10.91 -5.62 6.54
C PRO A 74 10.25 -4.71 5.47
N ALA A 75 9.25 -5.22 4.75
CA ALA A 75 8.67 -4.60 3.52
C ALA A 75 7.68 -3.48 3.88
N VAL A 76 7.60 -2.44 3.03
CA VAL A 76 6.67 -1.27 3.15
C VAL A 76 6.16 -0.98 1.73
N PRO A 77 4.85 -0.79 1.43
CA PRO A 77 4.46 -0.66 0.02
C PRO A 77 4.87 0.67 -0.60
N PRO A 78 5.21 0.70 -1.91
CA PRO A 78 5.47 1.94 -2.61
C PRO A 78 4.27 2.88 -2.46
N THR A 79 4.51 4.06 -1.91
CA THR A 79 3.45 5.01 -1.53
C THR A 79 3.90 6.43 -1.79
N ILE A 80 2.94 7.18 -2.28
CA ILE A 80 3.11 8.61 -2.59
C ILE A 80 2.01 9.26 -1.78
N LEU A 81 2.41 10.02 -0.78
CA LEU A 81 1.51 10.47 0.28
C LEU A 81 1.53 11.98 0.29
N LEU A 82 0.37 12.59 0.15
CA LEU A 82 0.29 14.04 0.04
C LEU A 82 -0.53 14.55 1.22
N ASN A 83 -0.17 15.75 1.66
CA ASN A 83 -0.84 16.49 2.76
C ASN A 83 -1.09 15.64 4.01
N PRO A 84 -0.08 14.95 4.58
CA PRO A 84 -0.36 13.95 5.60
C PRO A 84 -0.72 14.49 6.98
N ARG A 85 -1.38 13.62 7.73
CA ARG A 85 -1.65 13.85 9.15
C ARG A 85 -1.42 12.54 9.90
N ILE A 86 -0.66 12.59 10.98
CA ILE A 86 -0.30 11.41 11.80
C ILE A 86 -1.03 11.54 13.11
N THR A 87 -1.54 10.42 13.58
CA THR A 87 -2.15 10.31 14.92
C THR A 87 -1.51 9.12 15.59
N PRO A 88 -0.82 9.29 16.72
CA PRO A 88 -0.44 8.14 17.53
C PRO A 88 -1.69 7.37 17.95
N LEU A 89 -1.59 6.06 17.96
CA LEU A 89 -2.68 5.16 18.39
C LEU A 89 -2.53 4.83 19.89
N ASP A 90 -1.33 4.97 20.45
CA ASP A 90 -1.08 4.81 21.91
C ASP A 90 0.20 5.57 22.29
N ASP A 91 0.72 5.34 23.51
CA ASP A 91 1.94 6.03 24.03
C ASP A 91 3.19 5.15 23.94
N GLU A 92 3.06 3.93 23.44
CA GLU A 92 4.23 3.04 23.36
C GLU A 92 5.20 3.61 22.33
N MET A 93 6.47 3.69 22.72
CA MET A 93 7.56 4.29 21.90
C MET A 93 8.56 3.19 21.67
N GLU A 94 9.47 3.40 20.73
CA GLU A 94 10.39 2.35 20.27
C GLU A 94 11.64 3.01 19.66
N GLU A 95 12.82 2.51 20.03
CA GLU A 95 14.12 3.06 19.58
C GLU A 95 14.49 2.28 18.33
N GLY A 96 14.99 2.97 17.33
CA GLY A 96 15.58 2.29 16.17
C GLY A 96 16.53 3.21 15.49
N TRP A 97 17.41 2.62 14.70
CA TRP A 97 18.43 3.32 13.91
C TRP A 97 17.78 4.12 12.78
N GLU A 98 18.26 5.34 12.56
CA GLU A 98 17.84 6.15 11.42
C GLU A 98 19.09 6.72 10.78
N GLY A 99 19.07 6.79 9.46
CA GLY A 99 19.99 7.60 8.67
C GLY A 99 19.13 8.50 7.84
N CYS A 100 19.75 9.45 7.20
CA CYS A 100 19.02 10.46 6.41
C CYS A 100 20.00 10.79 5.29
N LEU A 101 19.48 10.93 4.09
CA LEU A 101 20.30 11.25 2.89
C LEU A 101 20.78 12.70 2.99
N SER A 102 20.02 13.57 3.66
CA SER A 102 20.43 14.98 3.93
C SER A 102 21.49 15.06 5.04
N VAL A 103 21.86 13.93 5.66
CA VAL A 103 22.83 13.84 6.80
C VAL A 103 23.81 12.72 6.49
N PRO A 104 24.56 12.84 5.39
CA PRO A 104 25.45 11.77 4.93
C PRO A 104 26.52 11.44 5.96
N GLY A 105 26.81 10.14 6.10
CA GLY A 105 27.88 9.60 6.95
C GLY A 105 27.47 9.32 8.38
N LEU A 106 26.20 9.52 8.77
CA LEU A 106 25.78 9.42 10.20
C LEU A 106 24.55 8.53 10.40
N ARG A 107 24.46 8.00 11.61
CA ARG A 107 23.29 7.27 12.12
C ARG A 107 22.97 7.79 13.50
N GLY A 108 21.71 7.82 13.85
CA GLY A 108 21.30 7.96 15.25
C GLY A 108 20.26 6.94 15.63
N ALA A 109 20.16 6.65 16.92
CA ALA A 109 18.96 6.00 17.50
C ALA A 109 17.92 7.07 17.85
N VAL A 110 16.70 6.81 17.41
CA VAL A 110 15.58 7.76 17.57
C VAL A 110 14.45 6.94 18.12
N SER A 111 13.71 7.54 19.03
CA SER A 111 12.53 6.91 19.63
C SER A 111 11.29 7.55 18.98
N ARG A 112 10.45 6.71 18.37
CA ARG A 112 9.21 7.21 17.74
C ARG A 112 8.03 6.38 18.22
N HIS A 113 6.83 6.83 17.91
CA HIS A 113 5.62 6.04 18.22
C HIS A 113 5.72 4.66 17.56
N ARG A 114 5.35 3.64 18.31
CA ARG A 114 5.36 2.26 17.76
C ARG A 114 4.24 2.10 16.73
N ARG A 115 3.13 2.78 16.94
CA ARG A 115 1.87 2.55 16.22
C ARG A 115 1.22 3.88 15.87
N ILE A 116 0.94 4.09 14.58
CA ILE A 116 0.34 5.35 14.08
C ILE A 116 -0.76 5.04 13.08
N ARG A 117 -1.72 5.95 13.04
CA ARG A 117 -2.57 6.13 11.89
C ARG A 117 -1.95 7.23 11.04
N TYR A 118 -1.90 6.99 9.75
CA TYR A 118 -1.63 8.10 8.80
C TYR A 118 -2.71 8.27 7.77
N GLN A 119 -2.97 9.54 7.48
CA GLN A 119 -3.94 9.94 6.46
C GLN A 119 -3.34 11.00 5.56
N GLY A 120 -3.95 11.15 4.40
CA GLY A 120 -3.60 12.17 3.42
C GLY A 120 -4.28 11.86 2.12
N LEU A 121 -3.66 12.24 1.00
CA LEU A 121 -4.24 12.08 -0.35
C LEU A 121 -3.19 11.32 -1.14
N ASP A 122 -3.62 10.40 -2.02
CA ASP A 122 -2.74 9.85 -3.07
C ASP A 122 -2.66 10.94 -4.11
N PRO A 123 -1.80 10.81 -5.15
CA PRO A 123 -1.66 11.83 -6.18
C PRO A 123 -2.91 12.19 -7.01
N GLN A 124 -3.95 11.35 -6.98
CA GLN A 124 -5.21 11.61 -7.71
C GLN A 124 -6.23 12.36 -6.86
N GLY A 125 -5.98 12.57 -5.56
CA GLY A 125 -6.97 13.18 -4.66
C GLY A 125 -7.74 12.18 -3.80
N GLN A 126 -7.52 10.87 -3.97
CA GLN A 126 -8.20 9.82 -3.18
C GLN A 126 -7.66 9.72 -1.76
N PRO A 127 -8.53 9.70 -0.73
CA PRO A 127 -8.02 9.53 0.62
C PRO A 127 -7.13 8.30 0.81
N ILE A 128 -6.04 8.47 1.56
CA ILE A 128 -5.30 7.35 2.21
C ILE A 128 -5.66 7.32 3.69
N ASP A 129 -5.80 6.10 4.24
CA ASP A 129 -6.10 5.92 5.68
C ASP A 129 -5.61 4.56 6.18
N ARG A 130 -4.49 4.55 6.92
CA ARG A 130 -3.76 3.32 7.30
C ARG A 130 -3.32 3.38 8.77
N SER A 131 -3.36 2.23 9.43
CA SER A 131 -2.83 2.06 10.79
C SER A 131 -1.71 1.06 10.67
N VAL A 132 -0.54 1.41 11.16
CA VAL A 132 0.70 0.63 10.90
C VAL A 132 1.55 0.67 12.16
N GLU A 133 2.55 -0.18 12.19
CA GLU A 133 3.38 -0.40 13.39
C GLU A 133 4.81 -0.60 12.93
N GLY A 134 5.74 -0.47 13.86
CA GLY A 134 7.14 -0.86 13.60
C GLY A 134 7.81 0.05 12.58
N PHE A 135 8.54 -0.58 11.69
CA PHE A 135 9.34 0.11 10.68
C PHE A 135 8.48 0.95 9.71
N HIS A 136 7.30 0.47 9.35
CA HIS A 136 6.37 1.20 8.46
C HIS A 136 5.98 2.48 9.20
N ALA A 137 5.63 2.41 10.47
CA ALA A 137 5.29 3.63 11.23
C ALA A 137 6.53 4.55 11.40
N ARG A 138 7.74 4.00 11.47
CA ARG A 138 9.00 4.78 11.64
C ARG A 138 9.26 5.62 10.37
N VAL A 139 9.24 4.97 9.21
CA VAL A 139 9.50 5.59 7.88
C VAL A 139 8.56 6.77 7.71
N VAL A 140 7.30 6.60 8.07
CA VAL A 140 6.29 7.64 7.79
C VAL A 140 6.50 8.83 8.71
N GLN A 141 6.76 8.59 9.99
CA GLN A 141 7.11 9.64 10.97
C GLN A 141 8.38 10.36 10.57
N HIS A 142 9.41 9.62 10.21
CA HIS A 142 10.64 10.21 9.66
C HIS A 142 10.29 11.09 8.45
N GLU A 143 9.48 10.58 7.51
CA GLU A 143 9.26 11.34 6.25
C GLU A 143 8.43 12.58 6.54
N CYS A 144 7.46 12.53 7.45
CA CYS A 144 6.58 13.69 7.69
C CYS A 144 7.30 14.77 8.53
N ASP A 145 8.29 14.39 9.35
CA ASP A 145 9.11 15.38 10.10
C ASP A 145 9.81 16.31 9.12
N HIS A 146 10.21 15.81 7.95
CA HIS A 146 10.82 16.72 6.93
C HIS A 146 9.84 17.80 6.44
N LEU A 147 8.54 17.58 6.57
CA LEU A 147 7.54 18.56 6.08
C LEU A 147 7.26 19.61 7.15
N ILE A 148 7.78 19.40 8.36
CA ILE A 148 7.72 20.44 9.42
C ILE A 148 9.14 20.85 9.82
N GLY A 149 10.13 20.61 8.95
CA GLY A 149 11.46 21.22 9.10
C GLY A 149 12.27 20.54 10.18
N ARG A 150 12.12 19.22 10.30
CA ARG A 150 12.76 18.43 11.37
C ARG A 150 13.51 17.26 10.79
N LEU A 151 14.77 17.19 11.16
CA LEU A 151 15.69 16.11 10.82
C LEU A 151 15.95 15.34 12.09
N TYR A 152 16.36 14.10 11.96
CA TYR A 152 16.40 13.18 13.11
C TYR A 152 17.31 13.69 14.24
N PRO A 153 18.44 14.40 14.01
CA PRO A 153 19.27 14.77 15.17
C PRO A 153 18.48 15.63 16.17
N SER A 154 17.45 16.35 15.72
CA SER A 154 16.57 17.17 16.59
C SER A 154 15.56 16.32 17.36
N ARG A 155 15.60 15.01 17.19
CA ARG A 155 14.66 14.11 17.92
C ARG A 155 15.45 13.17 18.81
N ILE A 156 16.78 13.16 18.66
CA ILE A 156 17.66 12.29 19.48
C ILE A 156 17.53 12.72 20.93
N THR A 157 17.33 11.75 21.80
CA THR A 157 17.42 11.94 23.27
C THR A 157 18.58 11.13 23.87
N ASP A 158 19.15 10.16 23.15
CA ASP A 158 20.33 9.40 23.65
C ASP A 158 21.52 9.68 22.72
N PHE A 159 22.40 10.60 23.09
CA PHE A 159 23.51 10.97 22.20
C PHE A 159 24.64 9.94 22.25
N SER A 160 24.64 8.97 23.16
CA SER A 160 25.61 7.84 23.06
C SER A 160 25.42 7.09 21.74
N LYS A 161 24.23 7.17 21.15
CA LYS A 161 23.90 6.37 19.95
C LYS A 161 23.96 7.22 18.68
N PHE A 162 24.52 8.43 18.74
CA PHE A 162 24.66 9.30 17.56
C PHE A 162 26.11 9.26 17.14
N GLY A 163 26.38 8.88 15.90
CA GLY A 163 27.78 8.71 15.46
C GLY A 163 27.95 8.54 13.97
N PHE A 164 29.20 8.49 13.55
CA PHE A 164 29.57 8.25 12.14
C PHE A 164 29.38 6.77 11.81
N THR A 165 28.76 6.49 10.67
CA THR A 165 28.35 5.12 10.26
C THR A 165 29.58 4.21 10.26
N GLU A 166 30.73 4.73 9.79
CA GLU A 166 32.01 3.96 9.76
C GLU A 166 32.54 3.63 11.17
N VAL A 167 32.18 4.39 12.23
CA VAL A 167 32.61 4.07 13.63
C VAL A 167 31.62 3.10 14.29
N LEU A 168 30.32 3.40 14.26
CA LEU A 168 29.27 2.59 14.95
C LEU A 168 29.24 1.18 14.33
N ILE B 1 3.44 -20.03 -13.22
CA ILE B 1 2.40 -19.84 -14.31
C ILE B 1 1.39 -21.00 -14.21
N ARG B 2 0.30 -20.80 -13.48
CA ARG B 2 -0.62 -21.92 -13.14
C ARG B 2 -1.91 -21.76 -13.93
N GLU B 3 -2.63 -22.87 -14.09
CA GLU B 3 -3.98 -22.85 -14.69
C GLU B 3 -4.90 -22.08 -13.75
N ILE B 4 -5.61 -21.10 -14.29
CA ILE B 4 -6.74 -20.48 -13.57
C ILE B 4 -7.92 -21.40 -13.76
N LEU B 5 -8.57 -21.76 -12.67
CA LEU B 5 -9.73 -22.67 -12.73
C LEU B 5 -10.95 -21.88 -13.21
N LYS B 6 -11.83 -22.54 -13.95
CA LYS B 6 -13.04 -21.92 -14.52
C LYS B 6 -14.24 -22.29 -13.64
N MET B 7 -15.19 -21.37 -13.59
CA MET B 7 -16.46 -21.53 -12.86
C MET B 7 -17.12 -22.85 -13.28
N GLY B 8 -17.60 -23.59 -12.29
CA GLY B 8 -18.01 -24.99 -12.49
C GLY B 8 -17.14 -25.91 -11.65
N ASP B 9 -15.84 -25.65 -11.60
CA ASP B 9 -14.90 -26.41 -10.73
C ASP B 9 -15.25 -26.24 -9.25
N GLU B 10 -15.39 -27.35 -8.54
CA GLU B 10 -15.79 -27.41 -7.11
C GLU B 10 -14.81 -26.67 -6.19
N ARG B 11 -13.52 -26.65 -6.54
CA ARG B 11 -12.48 -26.01 -5.69
C ARG B 11 -12.78 -24.53 -5.59
N LEU B 12 -13.48 -23.96 -6.57
CA LEU B 12 -13.78 -22.51 -6.48
C LEU B 12 -14.85 -22.24 -5.43
N LEU B 13 -15.48 -23.27 -4.88
CA LEU B 13 -16.59 -23.03 -3.90
C LEU B 13 -16.18 -23.47 -2.47
N ARG B 14 -14.95 -23.96 -2.27
CA ARG B 14 -14.40 -24.22 -0.90
C ARG B 14 -14.33 -22.92 -0.09
N ILE B 15 -14.70 -23.01 1.19
CA ILE B 15 -14.33 -22.01 2.22
C ILE B 15 -12.83 -22.18 2.45
N ALA B 16 -11.99 -21.26 1.99
CA ALA B 16 -10.53 -21.41 2.06
C ALA B 16 -10.06 -21.52 3.51
N GLN B 17 -9.02 -22.33 3.74
CA GLN B 17 -8.27 -22.50 5.03
C GLN B 17 -7.46 -21.24 5.35
N PRO B 18 -7.41 -20.81 6.64
CA PRO B 18 -6.44 -19.80 7.09
C PRO B 18 -5.00 -20.18 6.68
N VAL B 19 -4.19 -19.22 6.20
CA VAL B 19 -2.72 -19.47 6.01
C VAL B 19 -2.12 -19.69 7.40
N PRO B 20 -1.38 -20.79 7.66
CA PRO B 20 -0.78 -21.03 8.98
C PRO B 20 0.36 -20.05 9.31
N SER B 21 0.37 -19.49 10.52
CA SER B 21 1.39 -18.49 10.96
C SER B 21 2.80 -18.99 10.67
N GLU B 22 3.02 -20.31 10.78
CA GLU B 22 4.32 -20.98 10.55
C GLU B 22 4.89 -20.66 9.17
N LEU B 23 4.05 -20.31 8.20
CA LEU B 23 4.53 -20.10 6.81
C LEU B 23 4.91 -18.65 6.55
N LEU B 24 4.55 -17.72 7.45
CA LEU B 24 4.96 -16.30 7.31
C LEU B 24 6.49 -16.23 7.15
N GLY B 25 6.98 -15.54 6.13
CA GLY B 25 8.44 -15.45 5.87
C GLY B 25 9.07 -16.60 5.08
N SER B 26 8.45 -17.78 4.93
CA SER B 26 9.05 -18.99 4.27
C SER B 26 9.31 -18.78 2.76
N GLU B 27 10.26 -19.54 2.19
CA GLU B 27 10.50 -19.58 0.71
C GLU B 27 9.25 -20.16 0.01
N GLU B 28 8.58 -21.14 0.64
CA GLU B 28 7.42 -21.85 0.03
C GLU B 28 6.23 -20.90 -0.15
N LEU B 29 5.93 -20.08 0.87
CA LEU B 29 4.83 -19.07 0.77
C LEU B 29 5.22 -18.03 -0.28
N GLN B 30 6.51 -17.71 -0.36
CA GLN B 30 7.01 -16.69 -1.31
C GLN B 30 6.94 -17.25 -2.73
N ARG B 31 7.17 -18.55 -2.92
CA ARG B 31 7.05 -19.19 -4.25
C ARG B 31 5.59 -19.09 -4.70
N LEU B 32 4.65 -19.43 -3.80
CA LEU B 32 3.21 -19.34 -4.12
C LEU B 32 2.91 -17.91 -4.58
N ILE B 33 3.39 -16.90 -3.84
CA ILE B 33 3.14 -15.46 -4.16
C ILE B 33 3.60 -15.21 -5.59
N ASP B 34 4.78 -15.71 -5.92
CA ASP B 34 5.48 -15.42 -7.19
C ASP B 34 4.72 -16.07 -8.34
N ASP B 35 4.32 -17.32 -8.18
CA ASP B 35 3.46 -18.01 -9.18
C ASP B 35 2.18 -17.18 -9.38
N MET B 36 1.57 -16.68 -8.31
CA MET B 36 0.31 -15.90 -8.40
C MET B 36 0.51 -14.60 -9.19
N PHE B 37 1.58 -13.84 -8.92
CA PHE B 37 1.88 -12.62 -9.70
C PHE B 37 2.16 -13.00 -11.17
N GLU B 38 2.90 -14.08 -11.43
CA GLU B 38 3.20 -14.46 -12.85
C GLU B 38 1.89 -14.82 -13.54
N THR B 39 1.01 -15.56 -12.87
CA THR B 39 -0.28 -16.01 -13.46
C THR B 39 -1.16 -14.78 -13.69
N MET B 40 -1.36 -13.95 -12.65
CA MET B 40 -2.18 -12.71 -12.72
C MET B 40 -1.70 -11.81 -13.87
N HIS B 41 -0.43 -11.37 -13.86
CA HIS B 41 0.11 -10.46 -14.90
C HIS B 41 -0.12 -11.09 -16.29
N HIS B 42 0.16 -12.40 -16.46
CA HIS B 42 0.08 -13.10 -17.78
C HIS B 42 -1.31 -12.88 -18.41
N VAL B 43 -2.38 -13.01 -17.63
CA VAL B 43 -3.77 -12.90 -18.16
C VAL B 43 -4.31 -11.48 -18.00
N GLY B 44 -3.48 -10.50 -17.62
CA GLY B 44 -3.91 -9.09 -17.47
C GLY B 44 -4.78 -8.84 -16.26
N GLY B 45 -4.89 -9.75 -15.28
CA GLY B 45 -5.76 -9.56 -14.10
C GLY B 45 -5.31 -8.40 -13.21
N VAL B 46 -6.25 -7.77 -12.49
CA VAL B 46 -5.96 -6.74 -11.45
C VAL B 46 -5.98 -7.38 -10.05
N GLY B 47 -6.57 -8.58 -9.91
CA GLY B 47 -6.73 -9.31 -8.64
C GLY B 47 -6.50 -10.80 -8.84
N LEU B 48 -6.24 -11.56 -7.77
CA LEU B 48 -6.07 -13.05 -7.90
C LEU B 48 -6.07 -13.69 -6.53
N ALA B 49 -6.86 -14.73 -6.41
CA ALA B 49 -7.09 -15.46 -5.17
C ALA B 49 -6.48 -16.85 -5.34
N ALA B 50 -5.87 -17.38 -4.29
CA ALA B 50 -5.15 -18.68 -4.30
C ALA B 50 -6.08 -19.82 -4.77
N PRO B 51 -7.33 -19.89 -4.27
CA PRO B 51 -8.27 -20.93 -4.69
C PRO B 51 -8.48 -20.98 -6.22
N GLN B 52 -8.36 -19.83 -6.92
CA GLN B 52 -8.49 -19.75 -8.40
C GLN B 52 -7.41 -20.55 -9.09
N ILE B 53 -6.23 -20.68 -8.48
CA ILE B 53 -5.17 -21.56 -9.06
C ILE B 53 -5.18 -22.91 -8.34
N GLY B 54 -6.20 -23.17 -7.53
CA GLY B 54 -6.41 -24.51 -6.94
C GLY B 54 -5.60 -24.72 -5.69
N VAL B 55 -5.22 -23.65 -5.01
CA VAL B 55 -4.55 -23.74 -3.70
C VAL B 55 -5.51 -23.18 -2.68
N ASP B 56 -5.80 -23.99 -1.67
CA ASP B 56 -6.91 -23.76 -0.72
C ASP B 56 -6.46 -22.87 0.46
N LEU B 57 -5.98 -21.66 0.17
CA LEU B 57 -5.40 -20.75 1.19
C LEU B 57 -6.08 -19.38 1.13
N GLN B 58 -6.33 -18.82 2.32
CA GLN B 58 -6.82 -17.43 2.44
C GLN B 58 -5.69 -16.46 2.11
N LEU B 59 -5.46 -16.27 0.82
CA LEU B 59 -4.34 -15.48 0.30
C LEU B 59 -4.82 -14.86 -0.99
N VAL B 60 -4.86 -13.54 -1.02
CA VAL B 60 -5.17 -12.83 -2.30
C VAL B 60 -4.06 -11.86 -2.60
N ILE B 61 -3.96 -11.52 -3.87
CA ILE B 61 -3.09 -10.43 -4.34
C ILE B 61 -3.94 -9.49 -5.18
N PHE B 62 -3.52 -8.24 -5.26
CA PHE B 62 -4.18 -7.27 -6.15
C PHE B 62 -3.30 -6.05 -6.24
N GLY B 63 -3.65 -5.18 -7.18
CA GLY B 63 -2.99 -3.88 -7.37
C GLY B 63 -2.04 -3.91 -8.55
N PRO B 74 -8.00 4.81 -11.31
CA PRO B 74 -7.84 4.78 -9.85
C PRO B 74 -6.71 3.82 -9.45
N ALA B 75 -5.79 4.31 -8.62
CA ALA B 75 -4.60 3.54 -8.18
C ALA B 75 -5.05 2.52 -7.13
N VAL B 76 -4.38 1.39 -7.13
CA VAL B 76 -4.53 0.41 -6.03
C VAL B 76 -3.14 -0.09 -5.77
N PRO B 77 -2.62 0.05 -4.54
CA PRO B 77 -1.25 -0.41 -4.28
C PRO B 77 -1.11 -1.91 -4.46
N PRO B 78 0.06 -2.38 -4.96
CA PRO B 78 0.34 -3.80 -4.99
C PRO B 78 0.32 -4.35 -3.57
N THR B 79 -0.50 -5.36 -3.37
CA THR B 79 -0.83 -5.85 -2.05
C THR B 79 -0.95 -7.36 -2.09
N ILE B 80 -0.48 -7.94 -1.01
CA ILE B 80 -0.52 -9.38 -0.73
C ILE B 80 -1.08 -9.49 0.67
N LEU B 81 -2.32 -9.93 0.71
CA LEU B 81 -3.19 -9.92 1.88
C LEU B 81 -3.51 -11.37 2.27
N LEU B 82 -3.02 -11.82 3.44
CA LEU B 82 -3.29 -13.16 4.01
C LEU B 82 -4.39 -13.05 5.07
N ASN B 83 -5.15 -14.12 5.24
CA ASN B 83 -6.19 -14.29 6.29
C ASN B 83 -7.01 -13.03 6.53
N PRO B 84 -7.66 -12.45 5.48
CA PRO B 84 -8.26 -11.13 5.57
C PRO B 84 -9.59 -11.06 6.33
N ARG B 85 -9.92 -9.88 6.85
CA ARG B 85 -11.22 -9.60 7.48
C ARG B 85 -11.68 -8.25 6.98
N ILE B 86 -12.85 -8.21 6.35
CA ILE B 86 -13.46 -6.96 5.87
C ILE B 86 -14.49 -6.51 6.85
N THR B 87 -14.62 -5.20 7.00
CA THR B 87 -15.62 -4.57 7.85
C THR B 87 -16.17 -3.38 7.09
N PRO B 88 -17.46 -3.37 6.73
CA PRO B 88 -18.01 -2.20 6.07
C PRO B 88 -18.13 -1.01 7.04
N LEU B 89 -17.90 0.21 6.54
CA LEU B 89 -17.72 1.42 7.40
C LEU B 89 -19.05 2.19 7.46
N ASP B 90 -19.93 1.98 6.48
CA ASP B 90 -21.30 2.56 6.51
C ASP B 90 -22.17 1.60 5.68
N ASP B 91 -23.40 1.99 5.40
CA ASP B 91 -24.39 1.13 4.69
C ASP B 91 -24.51 1.47 3.20
N GLU B 92 -23.71 2.38 2.67
CA GLU B 92 -23.85 2.80 1.25
C GLU B 92 -23.30 1.71 0.34
N MET B 93 -24.03 1.47 -0.75
CA MET B 93 -23.73 0.41 -1.73
C MET B 93 -23.47 1.11 -3.05
N GLU B 94 -22.67 0.50 -3.90
CA GLU B 94 -22.36 1.13 -5.20
C GLU B 94 -22.15 0.04 -6.25
N GLU B 95 -22.73 0.30 -7.41
CA GLU B 95 -22.77 -0.68 -8.51
C GLU B 95 -21.54 -0.43 -9.37
N GLY B 96 -20.92 -1.49 -9.86
CA GLY B 96 -19.86 -1.31 -10.87
C GLY B 96 -19.64 -2.59 -11.65
N TRP B 97 -18.94 -2.48 -12.75
CA TRP B 97 -18.64 -3.62 -13.64
C TRP B 97 -17.54 -4.47 -13.02
N GLU B 98 -17.76 -5.77 -13.11
CA GLU B 98 -16.78 -6.76 -12.65
C GLU B 98 -16.64 -7.80 -13.75
N GLY B 99 -15.45 -8.36 -13.77
CA GLY B 99 -15.06 -9.44 -14.66
C GLY B 99 -14.09 -10.28 -13.87
N CYS B 100 -13.88 -11.52 -14.27
CA CYS B 100 -13.14 -12.49 -13.45
C CYS B 100 -12.53 -13.49 -14.42
N LEU B 101 -11.30 -13.89 -14.12
CA LEU B 101 -10.51 -14.74 -15.03
C LEU B 101 -11.09 -16.16 -14.94
N SER B 102 -11.75 -16.51 -13.84
CA SER B 102 -12.47 -17.81 -13.71
C SER B 102 -13.80 -17.77 -14.47
N VAL B 103 -14.21 -16.62 -15.00
CA VAL B 103 -15.46 -16.48 -15.82
C VAL B 103 -15.10 -15.75 -17.11
N PRO B 104 -14.25 -16.35 -17.97
CA PRO B 104 -13.79 -15.65 -19.15
C PRO B 104 -14.98 -15.33 -20.06
N GLY B 105 -14.96 -14.14 -20.65
CA GLY B 105 -15.91 -13.71 -21.69
C GLY B 105 -17.01 -12.81 -21.17
N LEU B 106 -17.14 -12.69 -19.85
CA LEU B 106 -18.33 -12.07 -19.26
C LEU B 106 -17.95 -10.85 -18.43
N ARG B 107 -18.91 -9.96 -18.31
CA ARG B 107 -18.94 -8.88 -17.32
C ARG B 107 -20.32 -8.86 -16.70
N GLY B 108 -20.38 -8.35 -15.49
CA GLY B 108 -21.65 -8.06 -14.84
C GLY B 108 -21.48 -6.93 -13.86
N ALA B 109 -22.58 -6.27 -13.59
CA ALA B 109 -22.66 -5.18 -12.61
C ALA B 109 -23.03 -5.75 -11.26
N VAL B 110 -22.26 -5.36 -10.26
CA VAL B 110 -22.42 -5.89 -8.88
C VAL B 110 -22.48 -4.73 -7.93
N SER B 111 -23.31 -4.91 -6.92
CA SER B 111 -23.42 -3.93 -5.84
C SER B 111 -22.48 -4.34 -4.71
N ARG B 112 -21.58 -3.44 -4.35
CA ARG B 112 -20.63 -3.64 -3.23
C ARG B 112 -20.72 -2.45 -2.27
N HIS B 113 -20.28 -2.68 -1.04
CA HIS B 113 -20.10 -1.60 -0.05
C HIS B 113 -19.11 -0.57 -0.62
N ARG B 114 -19.49 0.70 -0.64
CA ARG B 114 -18.60 1.78 -1.13
C ARG B 114 -17.38 2.00 -0.21
N ARG B 115 -17.51 1.76 1.09
CA ARG B 115 -16.43 2.04 2.06
C ARG B 115 -16.19 0.83 2.96
N ILE B 116 -14.96 0.38 3.01
CA ILE B 116 -14.60 -0.76 3.88
C ILE B 116 -13.33 -0.47 4.63
N ARG B 117 -13.18 -1.22 5.69
CA ARG B 117 -11.92 -1.42 6.42
C ARG B 117 -11.52 -2.84 6.06
N TYR B 118 -10.23 -3.09 5.83
CA TYR B 118 -9.77 -4.48 5.65
C TYR B 118 -8.48 -4.69 6.44
N GLN B 119 -8.41 -5.87 7.04
CA GLN B 119 -7.29 -6.22 7.91
C GLN B 119 -6.83 -7.59 7.50
N GLY B 120 -5.56 -7.84 7.67
CA GLY B 120 -5.02 -9.19 7.45
C GLY B 120 -3.56 -9.16 7.76
N LEU B 121 -2.80 -10.03 7.14
CA LEU B 121 -1.35 -10.02 7.34
C LEU B 121 -0.69 -9.87 6.00
N ASP B 122 0.48 -9.25 5.99
CA ASP B 122 1.32 -9.26 4.78
C ASP B 122 2.12 -10.55 4.88
N PRO B 123 2.81 -10.97 3.80
CA PRO B 123 3.52 -12.25 3.84
C PRO B 123 4.62 -12.40 4.91
N GLN B 124 5.06 -11.31 5.55
CA GLN B 124 5.99 -11.45 6.69
C GLN B 124 5.24 -11.47 8.02
N GLY B 125 3.92 -11.29 8.02
CA GLY B 125 3.13 -11.37 9.26
C GLY B 125 2.94 -10.01 9.89
N GLN B 126 3.35 -8.94 9.24
CA GLN B 126 3.00 -7.57 9.70
C GLN B 126 1.51 -7.37 9.47
N PRO B 127 0.72 -6.93 10.47
CA PRO B 127 -0.66 -6.55 10.23
C PRO B 127 -0.84 -5.54 9.09
N ILE B 128 -1.96 -5.65 8.39
CA ILE B 128 -2.45 -4.63 7.43
C ILE B 128 -3.77 -4.15 8.02
N ASP B 129 -4.09 -2.87 7.87
CA ASP B 129 -5.31 -2.24 8.42
C ASP B 129 -5.50 -0.94 7.66
N ARG B 130 -6.45 -0.94 6.73
CA ARG B 130 -6.67 0.16 5.76
C ARG B 130 -8.16 0.46 5.70
N SER B 131 -8.46 1.71 5.46
CA SER B 131 -9.82 2.16 5.19
C SER B 131 -9.83 2.76 3.79
N VAL B 132 -10.67 2.17 2.94
CA VAL B 132 -10.61 2.43 1.48
C VAL B 132 -12.02 2.64 0.95
N GLU B 133 -12.10 3.28 -0.21
CA GLU B 133 -13.37 3.61 -0.90
C GLU B 133 -13.25 3.26 -2.39
N GLY B 134 -14.40 3.18 -3.05
CA GLY B 134 -14.59 3.02 -4.50
C GLY B 134 -13.90 1.81 -5.09
N PHE B 135 -13.12 2.00 -6.13
CA PHE B 135 -12.52 0.86 -6.84
C PHE B 135 -11.72 -0.03 -5.87
N HIS B 136 -10.91 0.58 -4.99
CA HIS B 136 -9.99 -0.14 -4.08
C HIS B 136 -10.86 -1.05 -3.20
N ALA B 137 -11.94 -0.51 -2.66
CA ALA B 137 -12.89 -1.26 -1.80
C ALA B 137 -13.54 -2.41 -2.57
N ARG B 138 -13.90 -2.17 -3.84
CA ARG B 138 -14.57 -3.20 -4.69
C ARG B 138 -13.62 -4.37 -4.97
N VAL B 139 -12.39 -4.11 -5.34
CA VAL B 139 -11.39 -5.19 -5.62
C VAL B 139 -11.16 -6.07 -4.38
N VAL B 140 -11.05 -5.46 -3.20
CA VAL B 140 -10.80 -6.26 -1.97
C VAL B 140 -12.02 -7.13 -1.70
N GLN B 141 -13.23 -6.58 -1.76
CA GLN B 141 -14.46 -7.40 -1.64
C GLN B 141 -14.52 -8.47 -2.74
N HIS B 142 -14.23 -8.15 -3.99
CA HIS B 142 -14.28 -9.18 -5.07
C HIS B 142 -13.35 -10.34 -4.69
N GLU B 143 -12.13 -10.04 -4.28
CA GLU B 143 -11.11 -11.09 -4.01
C GLU B 143 -11.44 -11.85 -2.72
N CYS B 144 -11.97 -11.19 -1.69
CA CYS B 144 -12.28 -11.89 -0.42
C CYS B 144 -13.49 -12.81 -0.62
N ASP B 145 -14.38 -12.51 -1.57
CA ASP B 145 -15.50 -13.43 -1.91
C ASP B 145 -14.95 -14.77 -2.39
N HIS B 146 -13.88 -14.76 -3.16
CA HIS B 146 -13.25 -16.01 -3.64
C HIS B 146 -12.86 -16.92 -2.47
N LEU B 147 -12.53 -16.38 -1.30
CA LEU B 147 -12.04 -17.26 -0.19
C LEU B 147 -13.22 -17.85 0.58
N ILE B 148 -14.43 -17.31 0.41
CA ILE B 148 -15.66 -18.01 0.89
C ILE B 148 -16.47 -18.64 -0.26
N GLY B 149 -15.87 -19.03 -1.38
CA GLY B 149 -16.55 -19.77 -2.46
C GLY B 149 -17.67 -18.98 -3.14
N ARG B 150 -17.48 -17.67 -3.28
CA ARG B 150 -18.43 -16.81 -4.00
C ARG B 150 -17.77 -16.27 -5.26
N LEU B 151 -18.45 -16.42 -6.39
CA LEU B 151 -18.10 -15.72 -7.64
C LEU B 151 -19.14 -14.64 -7.88
N TYR B 152 -18.85 -13.62 -8.67
CA TYR B 152 -19.76 -12.44 -8.76
C TYR B 152 -21.12 -12.76 -9.38
N PRO B 153 -21.32 -13.75 -10.30
CA PRO B 153 -22.69 -14.04 -10.73
C PRO B 153 -23.67 -14.24 -9.58
N SER B 154 -23.19 -14.87 -8.51
CA SER B 154 -23.99 -15.08 -7.27
C SER B 154 -24.20 -13.79 -6.46
N ARG B 155 -23.74 -12.62 -6.88
CA ARG B 155 -24.03 -11.35 -6.17
C ARG B 155 -24.81 -10.41 -7.08
N ILE B 156 -24.96 -10.77 -8.35
CA ILE B 156 -25.74 -9.92 -9.30
C ILE B 156 -27.17 -9.93 -8.78
N THR B 157 -27.79 -8.77 -8.80
CA THR B 157 -29.26 -8.64 -8.63
C THR B 157 -29.88 -8.03 -9.89
N ASP B 158 -29.08 -7.54 -10.84
CA ASP B 158 -29.60 -6.94 -12.10
C ASP B 158 -28.99 -7.66 -13.30
N PHE B 159 -29.68 -8.71 -13.73
CA PHE B 159 -29.26 -9.61 -14.83
C PHE B 159 -29.39 -8.92 -16.18
N SER B 160 -30.06 -7.78 -16.22
CA SER B 160 -30.02 -6.92 -17.43
C SER B 160 -28.59 -6.42 -17.68
N LYS B 161 -27.72 -6.41 -16.67
CA LYS B 161 -26.32 -5.97 -16.85
C LYS B 161 -25.35 -7.15 -16.74
N PHE B 162 -25.76 -8.32 -17.17
CA PHE B 162 -24.87 -9.50 -17.17
C PHE B 162 -24.84 -10.01 -18.58
N GLY B 163 -23.65 -10.05 -19.15
CA GLY B 163 -23.52 -10.38 -20.57
C GLY B 163 -22.08 -10.64 -20.93
N PHE B 164 -21.93 -11.06 -22.15
CA PHE B 164 -20.64 -11.22 -22.84
C PHE B 164 -20.05 -9.83 -23.08
N THR B 165 -18.75 -9.70 -22.89
CA THR B 165 -18.01 -8.41 -22.96
C THR B 165 -18.13 -7.74 -24.33
N GLU B 166 -17.89 -8.47 -25.42
CA GLU B 166 -17.99 -7.93 -26.79
C GLU B 166 -19.41 -7.41 -27.07
N VAL B 167 -20.43 -8.02 -26.49
CA VAL B 167 -21.82 -7.60 -26.76
C VAL B 167 -22.07 -6.39 -25.89
N LEU B 168 -21.70 -6.47 -24.62
CA LEU B 168 -21.94 -5.34 -23.69
C LEU B 168 -21.10 -4.13 -24.08
N PHE B 169 -19.81 -4.33 -24.39
CA PHE B 169 -18.85 -3.23 -24.72
C PHE B 169 -18.37 -3.32 -26.17
N PRO B 170 -19.19 -2.90 -27.16
CA PRO B 170 -18.80 -2.93 -28.57
C PRO B 170 -17.93 -1.75 -29.00
N MET C 1 14.52 8.48 4.21
CA MET C 1 15.28 7.55 5.10
C MET C 1 16.38 6.82 4.30
N ALA C 2 17.47 6.48 5.00
CA ALA C 2 18.66 5.80 4.43
C ALA C 2 18.44 4.28 4.46
N SER C 3 19.48 3.52 4.13
CA SER C 3 19.55 2.05 4.30
C SER C 3 20.58 1.70 5.38
NI NI D . 15.03 11.83 5.78
NI NI E . -12.13 -12.95 -9.30
NI NI F . -0.18 -22.54 13.34
#